data_5M49
#
_entry.id   5M49
#
_cell.length_a   87.696
_cell.length_b   77.679
_cell.length_c   57.602
_cell.angle_alpha   90.00
_cell.angle_beta   112.68
_cell.angle_gamma   90.00
#
_symmetry.space_group_name_H-M   'C 1 2 1'
#
loop_
_entity.id
_entity.type
_entity.pdbx_description
1 polymer 'Aminotransferase class-III'
2 non-polymer "PYRIDOXAL-5'-PHOSPHATE"
3 non-polymer (3~{S})-3-azanylazepan-2-one
4 non-polymer (3~{R})-3-azanylazepan-2-one
5 water water
#
_entity_poly.entity_id   1
_entity_poly.type   'polypeptide(L)'
_entity_poly.pdbx_seq_one_letter_code
;MAGNLYGRDGAAIGSLQKLRFFPLAVAGGQGARLVEEDGRELIDLSGAWGAASLGYGHPAIIEAVSRAAANPAGASILSA
SNAPAVALAERLTASFPGRGTHKVWFGHSGSDANEAAYRAITRATGRTGVIAFIGAYHGCTVGSMAFSGHSVQADAAKAD
GLILLPYPDPYRPYQDDPTGDAVLALLKERLAAVPAGSIAAAFIEPIQSDGGLIVPPDGFLRKFADICRAHGISVVCDEV
KVGLARSGRLHCFEHEGFVPDILVLGKGLGGGLPLSAVIAPAEILDCASAFAMQTLHGNPVCAAAGLAVLETIEAENLTT
AAERKGKLLREGLARLAERHELIGDIRGRGLACGVELVRNRQSREPARAETAKLIYRAYELGLVLYYVGMNGNVLEMTPP
LTMTEDEVRHAVNLLDQAFTELSTVSDTLVSQFAGW
;
_entity_poly.pdbx_strand_id   A
#
# COMPACT_ATOMS: atom_id res chain seq x y z
N GLY A 3 -31.95 12.75 5.96
CA GLY A 3 -31.72 11.41 5.31
C GLY A 3 -30.46 10.82 5.90
N ASN A 4 -30.26 9.56 5.53
CA ASN A 4 -29.13 8.81 6.13
C ASN A 4 -27.82 9.33 5.52
N LEU A 5 -26.73 9.09 6.25
CA LEU A 5 -25.42 9.59 5.75
C LEU A 5 -25.11 9.03 4.46
N TYR A 6 -25.29 7.75 4.13
CA TYR A 6 -24.90 7.21 2.85
C TYR A 6 -25.70 7.87 1.74
N GLY A 7 -26.98 8.15 1.98
CA GLY A 7 -27.77 8.79 0.86
C GLY A 7 -27.31 10.24 0.69
N ARG A 8 -27.01 10.93 1.76
CA ARG A 8 -26.44 12.30 1.66
C ARG A 8 -25.12 12.27 0.92
N ASP A 9 -24.34 11.22 1.10
CA ASP A 9 -23.06 11.10 0.36
C ASP A 9 -23.35 10.97 -1.10
N GLY A 10 -24.36 10.21 -1.58
CA GLY A 10 -24.68 10.14 -2.95
C GLY A 10 -25.14 11.47 -3.55
N ALA A 11 -25.83 12.25 -2.80
CA ALA A 11 -26.39 13.53 -3.23
C ALA A 11 -25.32 14.60 -3.35
N ALA A 12 -24.30 14.54 -2.49
CA ALA A 12 -23.36 15.65 -2.31
C ALA A 12 -22.01 15.39 -2.93
N ILE A 13 -21.56 14.19 -3.06
CA ILE A 13 -20.15 13.91 -3.52
C ILE A 13 -20.26 13.15 -4.77
N GLY A 14 -19.56 13.58 -5.83
CA GLY A 14 -19.56 12.92 -7.10
C GLY A 14 -19.04 11.51 -7.03
N SER A 15 -19.41 10.69 -7.97
CA SER A 15 -18.85 9.33 -8.02
C SER A 15 -17.40 9.23 -8.44
N LEU A 16 -16.89 10.30 -9.00
CA LEU A 16 -15.56 10.30 -9.65
C LEU A 16 -14.46 9.61 -8.81
N GLN A 17 -14.49 9.86 -7.48
CA GLN A 17 -13.41 9.29 -6.63
C GLN A 17 -13.86 8.10 -5.80
N LYS A 18 -15.08 7.63 -6.01
CA LYS A 18 -15.64 6.55 -5.16
C LYS A 18 -15.28 5.20 -5.69
N LEU A 19 -14.97 4.32 -4.69
CA LEU A 19 -14.69 2.93 -4.85
C LEU A 19 -15.41 2.17 -3.73
N ARG A 20 -16.71 1.98 -3.94
CA ARG A 20 -17.60 1.48 -2.86
C ARG A 20 -18.02 0.04 -3.10
N PHE A 21 -18.03 -0.67 -1.98
CA PHE A 21 -18.30 -2.17 -1.97
C PHE A 21 -19.52 -2.51 -1.16
N PHE A 22 -19.95 -1.58 -0.34
CA PHE A 22 -21.08 -1.73 0.62
C PHE A 22 -21.29 -0.40 1.30
N PRO A 23 -22.42 -0.08 1.90
CA PRO A 23 -22.76 1.27 2.30
C PRO A 23 -22.22 1.71 3.63
N LEU A 24 -20.90 1.51 3.79
CA LEU A 24 -20.18 1.98 4.97
C LEU A 24 -20.23 3.46 5.19
N ALA A 25 -20.78 3.92 6.27
CA ALA A 25 -21.09 5.31 6.53
C ALA A 25 -20.60 5.64 7.87
N VAL A 26 -19.41 6.24 7.93
CA VAL A 26 -18.66 6.39 9.16
C VAL A 26 -18.82 7.71 9.83
N ALA A 27 -19.07 7.72 11.14
CA ALA A 27 -19.11 8.87 11.93
C ALA A 27 -17.98 9.07 12.96
N GLY A 28 -17.24 7.99 13.29
CA GLY A 28 -16.18 8.05 14.22
C GLY A 28 -15.34 6.77 14.13
N GLY A 29 -14.42 6.69 15.08
CA GLY A 29 -13.42 5.68 15.13
C GLY A 29 -12.65 5.71 16.42
N GLN A 30 -12.33 4.49 16.82
CA GLN A 30 -11.52 4.29 18.05
C GLN A 30 -10.80 2.97 18.04
N GLY A 31 -9.46 3.04 18.22
CA GLY A 31 -8.64 1.88 18.14
C GLY A 31 -8.71 1.31 16.73
N ALA A 32 -9.05 0.08 16.54
CA ALA A 32 -9.13 -0.54 15.24
C ALA A 32 -10.60 -0.65 14.76
N ARG A 33 -11.49 0.10 15.43
CA ARG A 33 -12.94 0.05 15.12
C ARG A 33 -13.47 1.33 14.54
N LEU A 34 -14.35 1.16 13.58
CA LEU A 34 -15.08 2.27 13.00
C LEU A 34 -16.46 2.32 13.64
N VAL A 35 -17.03 3.50 13.72
CA VAL A 35 -18.42 3.64 14.26
C VAL A 35 -19.24 4.30 13.14
N GLU A 36 -20.30 3.67 12.73
CA GLU A 36 -21.28 4.19 11.77
C GLU A 36 -22.22 5.21 12.37
N GLU A 37 -22.89 5.95 11.46
CA GLU A 37 -23.82 6.96 11.94
C GLU A 37 -24.85 6.46 12.99
N ASP A 38 -25.29 5.25 12.78
CA ASP A 38 -26.28 4.71 13.75
C ASP A 38 -25.65 4.20 15.03
N GLY A 39 -24.33 4.27 15.19
CA GLY A 39 -23.62 3.81 16.38
C GLY A 39 -23.08 2.40 16.28
N ARG A 40 -23.36 1.65 15.28
CA ARG A 40 -22.83 0.29 15.06
C ARG A 40 -21.32 0.32 14.91
N GLU A 41 -20.61 -0.58 15.57
CA GLU A 41 -19.14 -0.68 15.47
C GLU A 41 -18.72 -1.73 14.55
N LEU A 42 -17.64 -1.51 13.74
CA LEU A 42 -17.07 -2.52 12.94
C LEU A 42 -15.57 -2.62 13.19
N ILE A 43 -15.02 -3.80 13.17
CA ILE A 43 -13.58 -4.00 13.22
C ILE A 43 -13.07 -3.74 11.75
N ASP A 44 -12.05 -2.88 11.71
CA ASP A 44 -11.47 -2.47 10.39
C ASP A 44 -10.25 -3.29 9.97
N LEU A 45 -10.45 -4.43 9.34
CA LEU A 45 -9.34 -5.18 8.83
C LEU A 45 -8.66 -4.47 7.65
N SER A 46 -9.39 -3.53 7.03
CA SER A 46 -8.78 -2.75 5.86
C SER A 46 -7.83 -1.73 6.36
N GLY A 47 -7.84 -1.31 7.61
CA GLY A 47 -7.04 -0.20 8.14
C GLY A 47 -7.02 0.98 7.19
N ALA A 48 -8.20 1.31 6.64
CA ALA A 48 -8.33 2.43 5.64
C ALA A 48 -7.32 2.21 4.50
N TRP A 49 -7.40 1.06 3.86
CA TRP A 49 -6.43 0.61 2.81
C TRP A 49 -4.99 0.62 3.24
N GLY A 50 -4.72 0.69 4.55
CA GLY A 50 -3.37 0.69 5.02
C GLY A 50 -2.94 2.03 5.57
N ALA A 51 -3.78 3.06 5.41
CA ALA A 51 -3.49 4.38 5.88
C ALA A 51 -3.52 4.55 7.41
N ALA A 52 -4.42 3.79 8.05
CA ALA A 52 -4.57 3.94 9.51
C ALA A 52 -3.58 3.07 10.26
N SER A 53 -2.31 3.39 10.10
CA SER A 53 -1.22 2.61 10.71
C SER A 53 -1.34 2.50 12.24
N LEU A 54 -1.78 3.57 12.88
CA LEU A 54 -1.97 3.52 14.35
C LEU A 54 -3.44 3.47 14.71
N GLY A 55 -4.28 3.07 13.79
CA GLY A 55 -5.75 3.06 13.99
C GLY A 55 -6.27 4.42 14.17
N TYR A 56 -7.34 4.55 15.01
CA TYR A 56 -8.15 5.73 15.08
C TYR A 56 -8.05 6.41 16.40
N GLY A 57 -7.71 7.67 16.55
CA GLY A 57 -7.55 8.35 17.87
C GLY A 57 -6.43 7.77 18.66
N HIS A 58 -5.31 7.35 18.05
CA HIS A 58 -4.14 6.93 18.86
C HIS A 58 -3.60 8.10 19.57
N PRO A 59 -3.17 7.95 20.86
CA PRO A 59 -2.72 9.09 21.57
C PRO A 59 -1.56 9.86 20.96
N ALA A 60 -0.63 9.11 20.29
CA ALA A 60 0.52 9.80 19.68
C ALA A 60 0.08 10.75 18.54
N ILE A 61 -0.96 10.28 17.81
CA ILE A 61 -1.50 11.18 16.72
C ILE A 61 -2.22 12.40 17.29
N ILE A 62 -3.08 12.16 18.31
CA ILE A 62 -3.72 13.24 18.96
C ILE A 62 -2.76 14.27 19.46
N GLU A 63 -1.72 13.74 20.18
CA GLU A 63 -0.76 14.62 20.74
C GLU A 63 -0.08 15.46 19.72
N ALA A 64 0.37 14.77 18.63
CA ALA A 64 1.15 15.50 17.63
C ALA A 64 0.40 16.47 16.79
N VAL A 65 -0.79 16.03 16.31
CA VAL A 65 -1.52 16.93 15.53
C VAL A 65 -2.14 18.14 16.32
N SER A 66 -2.48 17.91 17.59
CA SER A 66 -3.04 18.94 18.41
CA SER A 66 -3.04 18.95 18.41
C SER A 66 -1.96 19.98 18.72
N ARG A 67 -0.73 19.49 19.06
CA ARG A 67 0.37 20.32 19.29
C ARG A 67 0.76 21.21 18.14
N ALA A 68 0.88 20.54 16.95
CA ALA A 68 1.24 21.29 15.74
C ALA A 68 0.15 22.26 15.34
N ALA A 69 -1.11 21.88 15.45
CA ALA A 69 -2.21 22.84 15.13
C ALA A 69 -2.25 24.08 15.98
N ALA A 70 -1.79 23.91 17.21
CA ALA A 70 -1.70 25.10 18.07
C ALA A 70 -0.49 25.93 17.96
N ASN A 71 0.57 25.39 17.33
CA ASN A 71 1.79 26.19 17.09
C ASN A 71 2.54 25.73 15.84
N PRO A 72 1.88 25.95 14.71
CA PRO A 72 2.43 25.38 13.48
C PRO A 72 3.56 26.21 12.93
N ALA A 73 4.64 25.49 12.51
CA ALA A 73 5.74 26.11 11.85
C ALA A 73 5.41 26.51 10.43
N GLY A 74 4.58 27.49 10.24
CA GLY A 74 4.03 27.86 8.91
C GLY A 74 3.07 26.82 8.37
N ALA A 75 3.14 26.67 7.01
CA ALA A 75 2.18 25.74 6.37
C ALA A 75 2.85 24.98 5.22
N SER A 76 4.16 25.03 5.10
CA SER A 76 4.80 24.59 3.85
C SER A 76 6.26 24.41 3.98
N ILE A 77 6.82 23.58 3.07
CA ILE A 77 8.29 23.48 2.83
C ILE A 77 8.70 24.19 1.56
N LEU A 78 7.85 24.78 0.77
CA LEU A 78 8.32 25.29 -0.52
C LEU A 78 9.21 26.52 -0.36
N SER A 79 8.61 27.54 0.24
CA SER A 79 9.24 28.87 0.33
C SER A 79 9.62 29.18 1.72
N ALA A 80 9.76 28.23 2.55
CA ALA A 80 10.22 28.36 3.96
C ALA A 80 10.79 27.02 4.31
N SER A 81 11.90 26.91 5.07
CA SER A 81 12.19 25.67 5.76
C SER A 81 11.29 25.57 6.98
N ASN A 82 10.99 24.41 7.53
CA ASN A 82 10.26 24.26 8.77
C ASN A 82 10.84 23.18 9.58
N ALA A 83 10.82 23.29 10.90
CA ALA A 83 11.49 22.34 11.75
C ALA A 83 10.93 20.93 11.71
N PRO A 84 9.62 20.72 11.78
CA PRO A 84 9.05 19.38 11.70
C PRO A 84 9.38 18.66 10.40
N ALA A 85 9.26 19.37 9.29
CA ALA A 85 9.61 18.70 8.03
C ALA A 85 11.03 18.27 7.96
N VAL A 86 11.98 19.09 8.44
CA VAL A 86 13.39 18.73 8.37
C VAL A 86 13.65 17.63 9.34
N ALA A 87 13.10 17.64 10.52
CA ALA A 87 13.27 16.53 11.44
C ALA A 87 12.75 15.18 10.89
N LEU A 88 11.59 15.26 10.23
CA LEU A 88 11.07 14.06 9.57
C LEU A 88 11.94 13.64 8.47
N ALA A 89 12.44 14.51 7.64
CA ALA A 89 13.37 14.11 6.55
C ALA A 89 14.61 13.44 7.10
N GLU A 90 15.18 13.97 8.18
CA GLU A 90 16.36 13.33 8.76
C GLU A 90 16.02 12.01 9.36
N ARG A 91 14.88 11.79 9.99
CA ARG A 91 14.53 10.53 10.54
C ARG A 91 14.38 9.47 9.38
N LEU A 92 13.72 9.90 8.29
CA LEU A 92 13.50 8.96 7.22
C LEU A 92 14.78 8.54 6.56
N THR A 93 15.73 9.48 6.34
CA THR A 93 16.98 9.11 5.71
C THR A 93 17.78 8.26 6.66
N ALA A 94 17.73 8.50 7.95
CA ALA A 94 18.46 7.68 8.90
C ALA A 94 17.98 6.23 8.93
N SER A 95 16.72 5.99 8.57
CA SER A 95 16.14 4.69 8.50
C SER A 95 16.47 3.95 7.23
N PHE A 96 17.08 4.57 6.26
CA PHE A 96 17.27 3.99 4.95
C PHE A 96 18.78 3.77 4.79
N PRO A 97 19.19 2.61 4.26
CA PRO A 97 20.69 2.41 4.10
C PRO A 97 21.40 3.61 3.36
N ARG A 99 24.51 6.58 4.16
CA ARG A 99 24.64 7.92 4.75
C ARG A 99 25.37 8.93 3.85
N GLY A 100 24.78 10.13 3.80
CA GLY A 100 25.27 11.20 2.93
C GLY A 100 24.93 11.04 1.48
N THR A 101 24.11 10.03 1.10
CA THR A 101 23.85 9.85 -0.27
C THR A 101 22.40 10.31 -0.59
N HIS A 102 21.43 10.21 0.38
CA HIS A 102 20.00 10.37 0.00
C HIS A 102 19.43 11.61 0.62
N LYS A 103 18.42 12.17 -0.07
CA LYS A 103 17.58 13.28 0.48
C LYS A 103 16.08 12.88 0.34
N VAL A 104 15.18 13.76 0.83
CA VAL A 104 13.77 13.53 0.82
C VAL A 104 13.04 14.61 0.01
N TRP A 105 11.95 14.16 -0.61
CA TRP A 105 10.91 15.04 -1.12
C TRP A 105 9.64 14.63 -0.45
N PHE A 106 8.83 15.64 -0.07
CA PHE A 106 7.52 15.40 0.65
C PHE A 106 6.37 15.66 -0.28
N GLY A 107 5.39 14.81 -0.17
CA GLY A 107 4.15 14.97 -0.89
C GLY A 107 2.96 14.78 -0.07
N HIS A 108 1.78 14.80 -0.71
CA HIS A 108 0.52 14.55 -0.05
C HIS A 108 0.13 13.10 -0.15
N SER A 109 0.59 12.31 -1.14
CA SER A 109 0.00 11.01 -1.48
C SER A 109 1.04 10.10 -2.13
N GLY A 110 0.71 8.83 -2.19
CA GLY A 110 1.54 7.88 -2.96
C GLY A 110 1.52 8.29 -4.44
N SER A 111 0.38 8.78 -4.93
CA SER A 111 0.37 9.20 -6.35
C SER A 111 1.30 10.32 -6.63
N ASP A 112 1.31 11.33 -5.78
CA ASP A 112 2.21 12.49 -6.05
C ASP A 112 3.68 12.10 -5.86
N ALA A 113 3.97 11.16 -4.98
CA ALA A 113 5.30 10.73 -4.78
C ALA A 113 5.88 9.90 -5.86
N ASN A 114 5.08 8.96 -6.34
CA ASN A 114 5.54 8.17 -7.52
C ASN A 114 5.64 9.06 -8.71
N GLU A 115 4.74 10.04 -8.90
CA GLU A 115 4.89 10.99 -10.01
C GLU A 115 6.16 11.79 -9.89
N ALA A 116 6.42 12.31 -8.69
CA ALA A 116 7.66 13.15 -8.53
C ALA A 116 8.91 12.33 -8.74
N ALA A 117 8.90 11.10 -8.32
CA ALA A 117 10.10 10.20 -8.49
C ALA A 117 10.37 9.95 -9.92
N TYR A 118 9.30 9.76 -10.68
CA TYR A 118 9.43 9.53 -12.09
C TYR A 118 9.88 10.79 -12.84
N ARG A 119 9.30 11.94 -12.52
CA ARG A 119 9.70 13.22 -13.19
C ARG A 119 11.10 13.50 -12.80
N ALA A 120 11.54 13.29 -11.56
CA ALA A 120 12.92 13.61 -11.15
C ALA A 120 13.90 12.73 -11.89
N ILE A 121 13.66 11.42 -11.97
CA ILE A 121 14.68 10.54 -12.57
C ILE A 121 14.71 10.85 -14.08
N THR A 122 13.61 11.14 -14.73
CA THR A 122 13.59 11.45 -16.17
C THR A 122 14.35 12.77 -16.37
N ARG A 123 14.20 13.76 -15.51
CA ARG A 123 14.94 15.03 -15.61
C ARG A 123 16.44 14.81 -15.32
N ALA A 124 16.81 14.05 -14.30
CA ALA A 124 18.23 13.79 -13.98
C ALA A 124 18.96 13.04 -15.09
N THR A 125 18.28 12.08 -15.71
CA THR A 125 18.90 11.18 -16.74
C THR A 125 18.69 11.67 -18.19
N GLY A 126 17.72 12.51 -18.50
CA GLY A 126 17.32 12.75 -19.88
C GLY A 126 16.71 11.55 -20.64
N ARG A 127 16.16 10.59 -19.92
CA ARG A 127 15.53 9.39 -20.56
C ARG A 127 14.15 9.24 -20.01
N THR A 128 13.26 8.76 -20.85
CA THR A 128 11.88 8.70 -20.56
C THR A 128 11.41 7.21 -20.27
N GLY A 129 12.22 6.22 -20.67
CA GLY A 129 11.73 4.88 -20.59
C GLY A 129 11.65 4.39 -19.16
N VAL A 130 10.79 3.42 -18.95
CA VAL A 130 10.43 2.99 -17.59
C VAL A 130 9.92 1.54 -17.64
N ILE A 131 10.35 0.75 -16.69
CA ILE A 131 9.87 -0.62 -16.47
C ILE A 131 8.82 -0.62 -15.33
N ALA A 132 7.70 -1.28 -15.51
CA ALA A 132 6.78 -1.53 -14.42
C ALA A 132 6.08 -2.84 -14.60
N PHE A 133 5.17 -3.21 -13.79
CA PHE A 133 4.52 -4.50 -13.87
C PHE A 133 3.08 -4.38 -14.22
N ILE A 134 2.61 -5.35 -15.06
CA ILE A 134 1.18 -5.49 -15.22
C ILE A 134 0.49 -5.61 -13.87
N GLY A 135 -0.65 -4.94 -13.69
CA GLY A 135 -1.37 -4.97 -12.48
C GLY A 135 -0.85 -4.08 -11.36
N ALA A 136 0.26 -3.42 -11.59
CA ALA A 136 0.82 -2.53 -10.57
C ALA A 136 -0.16 -1.42 -10.30
N TYR A 137 -0.11 -0.94 -9.06
CA TYR A 137 -0.87 0.26 -8.66
C TYR A 137 0.11 1.27 -8.10
N HIS A 138 0.36 2.36 -8.81
CA HIS A 138 1.28 3.40 -8.38
C HIS A 138 0.53 4.71 -8.18
N GLY A 139 -0.79 4.76 -8.32
CA GLY A 139 -1.54 5.96 -8.07
C GLY A 139 -2.52 6.24 -9.18
N CYS A 140 -3.17 7.37 -9.03
CA CYS A 140 -4.33 7.68 -9.79
C CYS A 140 -4.27 9.15 -10.22
N THR A 141 -3.17 9.55 -10.75
CA THR A 141 -3.02 10.86 -11.37
C THR A 141 -2.36 10.68 -12.71
N VAL A 142 -2.42 11.68 -13.60
CA VAL A 142 -1.92 11.47 -14.98
C VAL A 142 -0.50 11.07 -14.89
N GLY A 143 0.30 11.66 -14.02
CA GLY A 143 1.72 11.40 -13.99
C GLY A 143 2.06 10.07 -13.33
N SER A 144 1.28 9.51 -12.44
CA SER A 144 1.48 8.18 -11.85
C SER A 144 0.82 7.06 -12.60
N MET A 145 -0.16 7.37 -13.39
CA MET A 145 -0.80 6.40 -14.34
C MET A 145 0.00 6.21 -15.54
N ALA A 146 0.99 7.03 -15.86
CA ALA A 146 1.84 6.93 -17.03
C ALA A 146 2.56 5.57 -17.09
N PHE A 147 2.75 4.92 -15.96
CA PHE A 147 3.45 3.65 -15.95
C PHE A 147 2.71 2.73 -15.06
N SER A 148 1.38 2.86 -14.95
CA SER A 148 0.81 1.99 -13.88
C SER A 148 0.17 0.95 -14.73
N LYS A 158 0.22 6.81 -21.77
CA LYS A 158 1.33 6.00 -21.16
C LYS A 158 2.68 6.59 -21.58
N ALA A 159 3.71 6.51 -20.71
CA ALA A 159 5.08 6.96 -21.03
C ALA A 159 5.64 6.31 -22.30
N ASP A 160 6.44 7.03 -23.12
CA ASP A 160 7.16 6.48 -24.29
C ASP A 160 8.26 5.65 -23.66
N GLY A 161 8.38 4.44 -24.09
CA GLY A 161 9.39 3.61 -23.58
C GLY A 161 8.95 2.77 -22.39
N LEU A 162 7.62 2.66 -22.19
CA LEU A 162 7.06 1.87 -21.08
C LEU A 162 7.26 0.39 -21.46
N ILE A 163 7.82 -0.40 -20.53
CA ILE A 163 7.93 -1.86 -20.58
C ILE A 163 7.14 -2.43 -19.43
N LEU A 164 6.12 -3.24 -19.67
CA LEU A 164 5.28 -3.80 -18.71
C LEU A 164 5.52 -5.29 -18.66
N LEU A 165 5.85 -5.79 -17.47
CA LEU A 165 6.19 -7.20 -17.27
C LEU A 165 5.18 -7.85 -16.42
N PRO A 166 4.90 -9.16 -16.55
CA PRO A 166 4.13 -9.86 -15.62
C PRO A 166 4.78 -9.99 -14.23
N TYR A 167 4.02 -9.84 -13.21
CA TYR A 167 4.55 -9.94 -11.81
C TYR A 167 4.56 -11.45 -11.47
N PRO A 168 5.70 -11.98 -11.05
CA PRO A 168 5.71 -13.45 -10.83
C PRO A 168 4.98 -13.89 -9.62
N ASP A 169 3.97 -14.74 -9.81
CA ASP A 169 2.99 -15.19 -8.79
C ASP A 169 3.21 -16.65 -8.44
N PRO A 170 3.70 -16.93 -7.29
CA PRO A 170 3.85 -18.40 -6.85
C PRO A 170 2.60 -19.21 -7.08
N TYR A 171 1.40 -18.62 -6.94
CA TYR A 171 0.15 -19.40 -7.04
C TYR A 171 -0.19 -19.58 -8.55
N ARG A 172 0.34 -18.78 -9.48
CA ARG A 172 0.03 -18.82 -10.96
C ARG A 172 1.28 -18.48 -11.76
N PRO A 173 2.23 -19.35 -11.74
CA PRO A 173 3.54 -18.99 -12.32
C PRO A 173 3.55 -18.75 -13.81
N TYR A 174 4.22 -17.71 -14.22
CA TYR A 174 4.36 -17.34 -15.60
C TYR A 174 5.26 -18.39 -16.32
N GLN A 175 4.75 -18.91 -17.45
CA GLN A 175 5.46 -19.96 -18.19
C GLN A 175 5.75 -21.17 -17.39
N ASP A 176 4.88 -21.43 -16.42
CA ASP A 176 5.13 -22.48 -15.47
C ASP A 176 6.52 -22.55 -14.87
N ASP A 177 7.14 -21.39 -14.67
CA ASP A 177 8.42 -21.30 -14.01
C ASP A 177 8.12 -20.67 -12.60
N PRO A 178 8.08 -21.45 -11.52
CA PRO A 178 7.82 -20.94 -10.19
C PRO A 178 8.91 -19.94 -9.70
N THR A 179 10.09 -19.91 -10.31
CA THR A 179 11.13 -19.06 -9.80
C THR A 179 11.06 -17.61 -10.19
N GLY A 180 10.32 -17.30 -11.24
CA GLY A 180 10.34 -16.02 -11.88
C GLY A 180 11.43 -15.72 -12.88
N ASP A 181 12.35 -16.73 -13.15
CA ASP A 181 13.37 -16.54 -14.07
C ASP A 181 12.93 -16.22 -15.50
N ALA A 182 11.74 -16.75 -15.88
CA ALA A 182 11.19 -16.46 -17.14
C ALA A 182 10.79 -15.00 -17.32
N VAL A 183 10.41 -14.37 -16.18
CA VAL A 183 10.10 -12.97 -16.21
C VAL A 183 11.41 -12.20 -16.42
N LEU A 184 12.50 -12.58 -15.70
CA LEU A 184 13.77 -11.96 -15.93
C LEU A 184 14.25 -12.07 -17.35
N ALA A 185 14.09 -13.27 -17.95
CA ALA A 185 14.43 -13.43 -19.36
C ALA A 185 13.66 -12.53 -20.34
N LEU A 186 12.37 -12.37 -20.04
CA LEU A 186 11.50 -11.47 -20.77
C LEU A 186 12.00 -9.98 -20.68
N LEU A 187 12.37 -9.61 -19.45
CA LEU A 187 12.99 -8.28 -19.31
C LEU A 187 14.15 -8.04 -20.21
N LYS A 188 15.07 -9.04 -20.25
CA LYS A 188 16.26 -8.87 -21.01
C LYS A 188 15.97 -8.82 -22.49
N GLU A 189 14.95 -9.55 -22.90
CA GLU A 189 14.43 -9.50 -24.28
C GLU A 189 13.95 -8.08 -24.60
N ARG A 190 13.16 -7.51 -23.69
CA ARG A 190 12.57 -6.22 -23.90
C ARG A 190 13.65 -5.16 -23.92
N LEU A 191 14.65 -5.23 -23.00
CA LEU A 191 15.75 -4.29 -23.01
C LEU A 191 16.64 -4.38 -24.25
N ALA A 192 16.79 -5.62 -24.76
CA ALA A 192 17.66 -5.81 -25.97
C ALA A 192 17.15 -5.14 -27.25
N ALA A 193 15.85 -4.96 -27.32
CA ALA A 193 15.14 -4.43 -28.45
C ALA A 193 15.05 -2.88 -28.44
N VAL A 194 15.68 -2.16 -27.47
CA VAL A 194 15.65 -0.65 -27.38
C VAL A 194 17.07 -0.23 -27.10
N PRO A 195 17.49 1.07 -27.30
CA PRO A 195 18.87 1.47 -27.16
C PRO A 195 19.36 1.33 -25.78
N ALA A 196 20.62 0.96 -25.65
CA ALA A 196 21.30 0.98 -24.41
C ALA A 196 21.06 2.37 -23.79
N GLY A 197 20.68 2.29 -22.54
CA GLY A 197 20.62 3.50 -21.78
C GLY A 197 19.32 4.25 -22.01
N SER A 198 18.31 3.72 -22.66
CA SER A 198 17.04 4.47 -22.90
C SER A 198 16.07 4.38 -21.70
N ILE A 199 16.38 3.51 -20.71
CA ILE A 199 15.41 3.27 -19.58
C ILE A 199 15.90 4.03 -18.35
N ALA A 200 15.04 4.92 -17.86
CA ALA A 200 15.39 5.70 -16.65
C ALA A 200 15.24 4.92 -15.34
N ALA A 201 14.13 4.19 -15.19
CA ALA A 201 13.73 3.75 -13.88
C ALA A 201 12.96 2.46 -14.03
N ALA A 202 12.94 1.67 -12.96
CA ALA A 202 12.07 0.54 -12.80
C ALA A 202 11.24 0.71 -11.52
N PHE A 203 9.95 0.69 -11.65
CA PHE A 203 9.05 0.76 -10.50
C PHE A 203 8.63 -0.60 -10.07
N ILE A 204 8.78 -0.93 -8.81
CA ILE A 204 8.39 -2.25 -8.30
C ILE A 204 7.67 -2.15 -6.99
N GLU A 205 6.71 -3.00 -6.74
CA GLU A 205 6.10 -3.20 -5.42
C GLU A 205 6.73 -4.46 -4.84
N PRO A 206 7.25 -4.44 -3.66
CA PRO A 206 7.94 -5.63 -3.13
C PRO A 206 6.94 -6.72 -2.68
N ILE A 207 5.65 -6.37 -2.57
CA ILE A 207 4.51 -7.28 -2.48
C ILE A 207 3.50 -6.59 -3.37
N GLN A 208 3.03 -7.25 -4.43
CA GLN A 208 2.14 -6.55 -5.35
C GLN A 208 0.77 -6.45 -4.72
N SER A 209 0.24 -5.21 -4.52
CA SER A 209 -0.95 -4.90 -3.80
C SER A 209 -2.24 -5.23 -4.58
N ASP A 210 -2.64 -4.38 -5.49
CA ASP A 210 -3.85 -4.73 -6.29
C ASP A 210 -3.76 -5.92 -7.20
N GLY A 211 -2.55 -6.33 -7.56
CA GLY A 211 -2.34 -7.55 -8.24
C GLY A 211 -2.74 -8.77 -7.50
N GLY A 212 -2.98 -8.67 -6.17
CA GLY A 212 -3.51 -9.69 -5.29
C GLY A 212 -2.67 -10.07 -4.10
N LEU A 213 -1.94 -9.09 -3.48
CA LEU A 213 -1.03 -9.34 -2.32
C LEU A 213 -0.12 -10.50 -2.70
N ILE A 214 0.60 -10.31 -3.81
CA ILE A 214 1.51 -11.29 -4.30
C ILE A 214 2.94 -11.04 -3.78
N VAL A 215 3.41 -11.95 -2.94
CA VAL A 215 4.83 -12.02 -2.53
C VAL A 215 5.58 -12.68 -3.62
N PRO A 216 6.59 -12.09 -4.26
CA PRO A 216 7.27 -12.73 -5.40
C PRO A 216 8.08 -13.94 -4.94
N PRO A 217 8.54 -14.71 -5.92
CA PRO A 217 9.36 -15.90 -5.51
C PRO A 217 10.66 -15.46 -4.89
N ASP A 218 11.16 -16.29 -4.00
CA ASP A 218 12.47 -16.05 -3.41
C ASP A 218 13.51 -15.64 -4.41
N GLY A 219 14.29 -14.61 -4.14
CA GLY A 219 15.35 -14.18 -4.99
C GLY A 219 15.05 -13.36 -6.22
N PHE A 220 13.79 -13.32 -6.63
CA PHE A 220 13.43 -12.62 -7.80
C PHE A 220 13.78 -11.15 -7.78
N LEU A 221 13.41 -10.48 -6.72
CA LEU A 221 13.56 -9.02 -6.75
C LEU A 221 15.05 -8.62 -6.78
N ARG A 222 15.85 -9.35 -5.98
CA ARG A 222 17.32 -9.06 -6.03
C ARG A 222 17.90 -9.28 -7.41
N LYS A 223 17.48 -10.38 -8.09
CA LYS A 223 17.95 -10.59 -9.46
C LYS A 223 17.43 -9.55 -10.43
N PHE A 224 16.18 -9.14 -10.26
CA PHE A 224 15.66 -8.03 -11.02
C PHE A 224 16.45 -6.71 -10.85
N ALA A 225 16.73 -6.40 -9.56
CA ALA A 225 17.51 -5.19 -9.27
C ALA A 225 18.89 -5.30 -9.87
N ASP A 226 19.48 -6.50 -9.82
CA ASP A 226 20.81 -6.69 -10.50
C ASP A 226 20.80 -6.45 -11.97
N ILE A 227 19.75 -6.86 -12.66
CA ILE A 227 19.64 -6.52 -14.06
C ILE A 227 19.56 -5.05 -14.25
N CYS A 228 18.65 -4.44 -13.46
CA CYS A 228 18.53 -2.98 -13.63
C CYS A 228 19.86 -2.23 -13.41
N ARG A 229 20.59 -2.61 -12.39
CA ARG A 229 21.87 -1.95 -12.03
C ARG A 229 22.88 -2.16 -13.22
N ALA A 230 22.86 -3.38 -13.83
CA ALA A 230 23.76 -3.61 -14.97
C ALA A 230 23.48 -2.67 -16.12
N HIS A 231 22.26 -2.16 -16.30
CA HIS A 231 21.84 -1.20 -17.33
C HIS A 231 21.78 0.22 -16.89
N GLY A 232 22.21 0.46 -15.65
CA GLY A 232 22.19 1.87 -15.18
C GLY A 232 20.79 2.41 -14.84
N ILE A 233 19.83 1.47 -14.55
CA ILE A 233 18.44 1.82 -14.39
C ILE A 233 18.14 1.89 -12.86
N SER A 234 17.60 3.04 -12.46
CA SER A 234 17.27 3.31 -11.04
C SER A 234 16.12 2.42 -10.60
N VAL A 235 16.26 1.75 -9.45
CA VAL A 235 15.25 0.80 -8.92
C VAL A 235 14.42 1.55 -7.83
N VAL A 236 13.15 1.78 -8.15
CA VAL A 236 12.25 2.55 -7.27
C VAL A 236 11.30 1.50 -6.58
N CYS A 237 11.33 1.37 -5.28
CA CYS A 237 10.58 0.47 -4.51
C CYS A 237 9.39 1.23 -3.88
N ASP A 238 8.18 0.93 -4.36
CA ASP A 238 6.96 1.57 -3.91
C ASP A 238 6.45 0.77 -2.74
N GLU A 239 6.67 1.39 -1.55
CA GLU A 239 6.25 0.79 -0.29
C GLU A 239 5.11 1.60 0.33
N VAL A 240 4.30 2.26 -0.48
CA VAL A 240 3.11 2.92 0.03
C VAL A 240 2.18 1.97 0.72
N LYS A 241 2.00 0.76 0.24
CA LYS A 241 1.08 -0.21 0.88
C LYS A 241 1.75 -1.02 1.94
N VAL A 242 2.95 -1.52 1.67
CA VAL A 242 3.52 -2.53 2.61
C VAL A 242 4.72 -2.07 3.36
N GLY A 243 5.00 -0.77 3.37
CA GLY A 243 6.06 -0.16 4.10
C GLY A 243 5.74 0.11 5.55
N LEU A 244 6.80 0.60 6.15
CA LEU A 244 6.80 1.16 7.52
C LEU A 244 6.19 0.21 8.55
N ALA A 245 6.94 -0.86 8.77
CA ALA A 245 6.66 -1.89 9.79
C ALA A 245 5.64 -2.85 9.44
N ARG A 246 4.78 -2.60 8.45
CA ARG A 246 3.70 -3.53 8.15
C ARG A 246 4.15 -4.95 7.82
N SER A 247 5.29 -5.07 7.11
CA SER A 247 5.74 -6.35 6.66
C SER A 247 6.42 -7.17 7.77
N GLY A 248 6.53 -6.64 8.97
CA GLY A 248 7.37 -7.35 9.99
C GLY A 248 8.85 -7.00 9.93
N ARG A 249 9.29 -6.14 9.00
CA ARG A 249 10.60 -5.45 9.02
C ARG A 249 10.19 -4.02 8.82
N LEU A 250 11.03 -3.05 9.09
CA LEU A 250 10.64 -1.67 8.90
C LEU A 250 10.29 -1.45 7.39
N HIS A 251 11.24 -1.77 6.53
CA HIS A 251 11.09 -1.62 5.08
C HIS A 251 10.96 -2.99 4.53
N CYS A 252 9.97 -3.21 3.68
CA CYS A 252 9.71 -4.54 3.10
C CYS A 252 10.86 -5.08 2.25
N PHE A 253 11.63 -4.21 1.59
CA PHE A 253 12.79 -4.71 0.81
C PHE A 253 13.78 -5.41 1.71
N GLU A 254 13.71 -5.23 3.00
CA GLU A 254 14.64 -5.93 3.94
C GLU A 254 14.43 -7.40 3.90
N HIS A 255 13.25 -7.90 3.52
CA HIS A 255 13.06 -9.31 3.32
C HIS A 255 13.68 -9.88 2.09
N GLU A 256 14.18 -9.06 1.19
CA GLU A 256 14.41 -9.45 -0.20
C GLU A 256 15.87 -9.35 -0.67
N GLY A 257 16.82 -9.05 0.21
CA GLY A 257 18.21 -9.11 -0.21
C GLY A 257 18.70 -8.14 -1.16
N PHE A 258 18.00 -6.99 -1.25
CA PHE A 258 18.49 -5.90 -2.13
C PHE A 258 18.14 -4.59 -1.41
N VAL A 259 18.75 -3.50 -1.86
CA VAL A 259 18.41 -2.14 -1.45
C VAL A 259 18.07 -1.37 -2.69
N PRO A 260 16.87 -0.73 -2.74
CA PRO A 260 16.53 0.01 -3.90
C PRO A 260 17.30 1.35 -3.99
N ASP A 261 17.34 1.99 -5.12
CA ASP A 261 17.88 3.33 -5.24
C ASP A 261 16.95 4.34 -4.61
N ILE A 262 15.66 4.16 -4.81
CA ILE A 262 14.64 5.11 -4.36
C ILE A 262 13.58 4.34 -3.59
N LEU A 263 13.08 4.93 -2.52
CA LEU A 263 12.01 4.35 -1.68
C LEU A 263 10.85 5.35 -1.75
N VAL A 264 9.63 4.89 -2.05
CA VAL A 264 8.39 5.69 -2.02
C VAL A 264 7.54 5.21 -0.88
N LEU A 265 7.09 6.18 -0.04
CA LEU A 265 6.31 5.95 1.14
C LEU A 265 5.07 6.80 1.07
N GLY A 266 4.03 6.32 1.77
CA GLY A 266 2.77 7.03 1.80
C GLY A 266 1.81 6.34 2.75
N LYS A 267 0.48 6.47 2.50
CA LYS A 267 -0.57 5.84 3.27
C LYS A 267 -0.23 5.95 4.81
N GLY A 268 0.18 4.80 5.40
CA GLY A 268 0.34 4.77 6.88
C GLY A 268 1.41 5.70 7.38
N LEU A 269 2.32 6.23 6.56
CA LEU A 269 3.21 7.28 6.99
C LEU A 269 2.51 8.41 7.71
N GLY A 270 1.30 8.77 7.29
CA GLY A 270 0.56 9.88 7.88
C GLY A 270 -0.41 9.61 9.01
N GLY A 271 -0.59 8.34 9.26
CA GLY A 271 -1.48 7.92 10.40
C GLY A 271 -2.92 8.34 10.25
N GLY A 272 -3.39 8.62 9.03
CA GLY A 272 -4.75 9.18 8.75
C GLY A 272 -4.70 10.58 8.22
N LEU A 273 -3.52 11.22 8.15
CA LEU A 273 -3.31 12.54 7.54
C LEU A 273 -2.57 12.34 6.21
N PRO A 274 -2.75 13.27 5.26
CA PRO A 274 -2.06 13.07 3.94
C PRO A 274 -0.57 13.36 3.97
N LEU A 275 0.25 12.32 3.85
CA LEU A 275 1.69 12.46 3.89
C LEU A 275 2.31 11.35 3.02
N SER A 276 3.24 11.80 2.12
CA SER A 276 4.07 10.87 1.34
C SER A 276 5.49 11.36 1.33
N ALA A 277 6.39 10.49 0.93
CA ALA A 277 7.81 10.85 0.83
C ALA A 277 8.52 9.99 -0.22
N VAL A 278 9.47 10.62 -0.87
CA VAL A 278 10.45 9.91 -1.73
C VAL A 278 11.79 10.06 -1.07
N ILE A 279 12.51 8.98 -0.89
CA ILE A 279 13.90 8.97 -0.37
C ILE A 279 14.70 8.57 -1.62
N ALA A 280 15.60 9.45 -2.03
CA ALA A 280 16.30 9.26 -3.33
C ALA A 280 17.68 9.83 -3.29
N PRO A 281 18.59 9.37 -4.14
CA PRO A 281 19.92 9.99 -4.16
C PRO A 281 19.79 11.48 -4.32
N ALA A 282 20.74 12.15 -3.66
CA ALA A 282 20.74 13.56 -3.67
C ALA A 282 20.77 14.09 -5.06
N GLU A 283 21.54 13.51 -5.98
CA GLU A 283 21.64 14.01 -7.32
C GLU A 283 20.31 13.96 -8.10
N ILE A 284 19.46 13.00 -7.72
CA ILE A 284 18.17 12.87 -8.34
C ILE A 284 17.26 14.00 -7.81
N LEU A 285 17.24 14.27 -6.52
CA LEU A 285 16.29 15.28 -6.01
C LEU A 285 16.79 16.69 -6.06
N ASP A 286 18.06 16.86 -6.43
CA ASP A 286 18.68 18.20 -6.57
C ASP A 286 18.92 18.59 -8.02
N CYS A 287 18.37 17.83 -8.98
CA CYS A 287 18.59 18.15 -10.36
C CYS A 287 17.80 19.33 -10.92
N ALA A 288 16.80 19.81 -10.15
CA ALA A 288 16.00 20.94 -10.51
C ALA A 288 15.50 21.56 -9.17
N SER A 289 15.07 22.81 -9.25
CA SER A 289 14.26 23.40 -8.16
CA SER A 289 14.38 23.56 -8.19
C SER A 289 13.00 23.94 -8.75
N ALA A 290 12.04 24.19 -7.80
CA ALA A 290 10.73 24.69 -8.14
C ALA A 290 10.10 23.88 -9.26
N PHE A 291 10.22 22.53 -9.17
CA PHE A 291 9.90 21.64 -10.22
C PHE A 291 8.77 20.68 -10.00
N ALA A 292 8.65 20.20 -8.81
CA ALA A 292 7.50 19.33 -8.42
C ALA A 292 7.08 19.80 -7.04
N MET A 293 6.06 20.65 -7.00
CA MET A 293 5.75 21.35 -5.76
C MET A 293 4.27 21.61 -5.70
N GLN A 294 3.76 21.51 -4.48
CA GLN A 294 2.36 21.79 -4.16
C GLN A 294 2.43 22.54 -2.83
N THR A 295 1.60 23.55 -2.69
CA THR A 295 1.79 24.55 -1.57
C THR A 295 1.78 23.98 -0.21
N LEU A 296 0.93 23.01 0.08
CA LEU A 296 0.89 22.40 1.42
C LEU A 296 1.85 21.29 1.63
N HIS A 297 2.71 20.96 0.63
CA HIS A 297 3.71 19.97 0.85
C HIS A 297 4.60 20.36 2.04
N GLY A 298 4.88 19.34 2.83
CA GLY A 298 5.75 19.56 4.04
C GLY A 298 5.10 20.39 5.11
N ASN A 299 3.76 20.55 5.11
CA ASN A 299 3.12 21.36 6.15
C ASN A 299 3.39 20.64 7.47
N PRO A 300 3.51 21.48 8.55
CA PRO A 300 4.03 20.92 9.81
C PRO A 300 3.00 20.09 10.52
N VAL A 301 1.71 20.21 10.31
CA VAL A 301 0.71 19.37 10.96
C VAL A 301 0.90 17.90 10.46
N CYS A 302 0.94 17.73 9.10
CA CYS A 302 1.13 16.41 8.58
C CYS A 302 2.56 15.87 8.89
N ALA A 303 3.57 16.75 8.90
CA ALA A 303 4.91 16.27 9.28
C ALA A 303 4.94 15.78 10.72
N ALA A 304 4.21 16.50 11.56
CA ALA A 304 4.13 16.04 12.96
C ALA A 304 3.51 14.70 13.09
N ALA A 305 2.46 14.42 12.35
CA ALA A 305 1.87 13.11 12.31
C ALA A 305 2.81 12.03 11.84
N GLY A 306 3.59 12.31 10.80
CA GLY A 306 4.58 11.36 10.36
C GLY A 306 5.63 11.05 11.45
N LEU A 307 6.12 12.10 12.04
CA LEU A 307 7.05 11.85 13.15
C LEU A 307 6.43 10.99 14.26
N ALA A 308 5.17 11.25 14.52
CA ALA A 308 4.45 10.39 15.52
C ALA A 308 4.36 8.97 15.12
N VAL A 309 4.10 8.69 13.80
CA VAL A 309 4.06 7.33 13.36
C VAL A 309 5.43 6.62 13.51
N LEU A 310 6.49 7.30 13.08
CA LEU A 310 7.82 6.67 13.23
C LEU A 310 8.19 6.42 14.70
N GLU A 311 7.86 7.41 15.52
CA GLU A 311 8.15 7.30 16.99
C GLU A 311 7.35 6.22 17.60
N THR A 312 6.11 6.01 17.18
CA THR A 312 5.28 4.98 17.69
C THR A 312 5.69 3.62 17.27
N ILE A 313 6.15 3.50 16.03
CA ILE A 313 6.67 2.24 15.57
C ILE A 313 7.81 1.78 16.54
N GLU A 314 8.66 2.73 16.91
CA GLU A 314 9.77 2.40 17.87
C GLU A 314 9.18 2.14 19.28
N ALA A 315 8.34 3.05 19.75
CA ALA A 315 7.93 2.97 21.20
C ALA A 315 7.09 1.80 21.48
N GLU A 316 6.22 1.38 20.58
CA GLU A 316 5.29 0.29 20.68
C GLU A 316 5.71 -1.02 19.98
N ASN A 317 6.99 -1.06 19.51
CA ASN A 317 7.56 -2.21 18.99
C ASN A 317 6.73 -2.85 17.92
N LEU A 318 6.32 -1.94 16.97
CA LEU A 318 5.34 -2.38 16.02
C LEU A 318 5.82 -3.20 14.89
N THR A 319 7.15 -3.17 14.55
CA THR A 319 7.68 -4.04 13.56
CA THR A 319 7.62 -4.15 13.55
C THR A 319 7.47 -5.52 14.05
N THR A 320 7.92 -5.82 15.32
CA THR A 320 7.76 -7.14 15.90
C THR A 320 6.28 -7.45 16.07
N ALA A 321 5.47 -6.47 16.50
CA ALA A 321 4.02 -6.69 16.62
C ALA A 321 3.39 -7.19 15.31
N ALA A 322 3.81 -6.55 14.21
CA ALA A 322 3.25 -6.88 12.90
C ALA A 322 3.62 -8.32 12.49
N GLU A 323 4.87 -8.69 12.78
CA GLU A 323 5.30 -10.05 12.51
C GLU A 323 4.52 -11.08 13.32
N ARG A 324 4.45 -10.82 14.61
CA ARG A 324 3.76 -11.75 15.54
C ARG A 324 2.26 -11.83 15.23
N LYS A 325 1.61 -10.66 15.07
CA LYS A 325 0.20 -10.66 14.83
C LYS A 325 -0.17 -11.14 13.44
N GLY A 326 0.67 -10.97 12.44
CA GLY A 326 0.50 -11.57 11.15
C GLY A 326 0.49 -13.10 11.18
N LYS A 327 1.41 -13.67 11.97
CA LYS A 327 1.44 -15.12 12.09
C LYS A 327 0.14 -15.64 12.73
N LEU A 328 -0.31 -14.93 13.74
CA LEU A 328 -1.61 -15.26 14.35
C LEU A 328 -2.76 -15.20 13.34
N LEU A 329 -2.78 -14.11 12.54
CA LEU A 329 -3.81 -13.96 11.58
C LEU A 329 -3.77 -15.03 10.53
N ARG A 330 -2.62 -15.33 9.97
CA ARG A 330 -2.51 -16.36 8.96
C ARG A 330 -2.82 -17.80 9.52
N GLU A 331 -2.49 -18.00 10.78
CA GLU A 331 -2.83 -19.27 11.42
C GLU A 331 -4.33 -19.44 11.60
N GLY A 332 -4.98 -18.41 12.09
CA GLY A 332 -6.47 -18.30 12.14
C GLY A 332 -7.10 -18.57 10.78
N LEU A 333 -6.54 -17.94 9.72
CA LEU A 333 -7.10 -18.18 8.46
C LEU A 333 -6.90 -19.58 7.96
N ALA A 334 -5.75 -20.23 8.24
CA ALA A 334 -5.54 -21.64 7.80
C ALA A 334 -6.57 -22.54 8.55
N ARG A 335 -6.96 -22.17 9.77
CA ARG A 335 -8.08 -22.96 10.44
C ARG A 335 -9.40 -22.77 9.72
N LEU A 336 -9.65 -21.55 9.24
CA LEU A 336 -10.79 -21.36 8.39
C LEU A 336 -10.76 -22.13 7.12
N ALA A 337 -9.62 -22.30 6.46
CA ALA A 337 -9.47 -23.08 5.24
C ALA A 337 -9.77 -24.60 5.34
N GLU A 338 -9.67 -25.08 6.57
CA GLU A 338 -9.95 -26.54 6.84
C GLU A 338 -11.46 -26.70 6.62
N ARG A 339 -12.26 -25.68 6.93
CA ARG A 339 -13.68 -25.83 6.64
C ARG A 339 -14.27 -25.06 5.52
N HIS A 340 -13.63 -23.94 5.11
CA HIS A 340 -14.19 -23.22 3.95
C HIS A 340 -13.36 -23.46 2.67
N GLU A 341 -13.87 -24.30 1.81
CA GLU A 341 -13.15 -24.76 0.61
C GLU A 341 -12.83 -23.57 -0.41
N LEU A 342 -13.64 -22.55 -0.34
CA LEU A 342 -13.40 -21.35 -1.21
C LEU A 342 -11.95 -20.82 -1.02
N ILE A 343 -11.39 -21.02 0.16
CA ILE A 343 -10.02 -20.46 0.40
C ILE A 343 -9.01 -21.28 -0.32
N GLY A 344 -8.35 -20.75 -1.34
CA GLY A 344 -7.29 -21.35 -2.16
C GLY A 344 -5.87 -21.15 -1.74
N ASP A 345 -5.61 -19.95 -1.21
CA ASP A 345 -4.22 -19.56 -0.85
C ASP A 345 -4.23 -18.47 0.25
N ILE A 346 -3.34 -18.55 1.21
CA ILE A 346 -3.20 -17.53 2.21
C ILE A 346 -1.76 -17.08 2.17
N ARG A 347 -1.53 -15.77 2.05
CA ARG A 347 -0.17 -15.30 1.70
C ARG A 347 0.04 -13.89 2.26
N GLY A 348 1.30 -13.46 2.24
CA GLY A 348 1.70 -12.14 2.65
C GLY A 348 2.79 -12.15 3.69
N ARG A 349 3.05 -10.98 4.21
CA ARG A 349 4.06 -10.75 5.22
C ARG A 349 3.52 -9.88 6.26
N GLY A 350 3.85 -10.12 7.51
CA GLY A 350 3.37 -9.28 8.59
C GLY A 350 1.86 -9.10 8.57
N LEU A 351 1.48 -7.81 8.67
CA LEU A 351 0.09 -7.46 8.55
C LEU A 351 -0.30 -6.92 7.17
N ALA A 352 0.31 -7.46 6.15
CA ALA A 352 -0.21 -7.40 4.76
C ALA A 352 -0.51 -8.86 4.36
N CYS A 353 -1.79 -9.25 4.36
CA CYS A 353 -2.19 -10.63 4.12
CA CYS A 353 -2.20 -10.63 4.11
C CYS A 353 -3.25 -10.64 3.00
N GLY A 354 -3.15 -11.58 2.14
CA GLY A 354 -4.16 -11.82 1.07
C GLY A 354 -4.67 -13.23 1.22
N VAL A 355 -5.93 -13.34 0.95
CA VAL A 355 -6.63 -14.69 0.98
C VAL A 355 -7.29 -14.81 -0.41
N GLU A 356 -6.79 -15.70 -1.24
CA GLU A 356 -7.31 -15.87 -2.60
C GLU A 356 -8.45 -16.91 -2.60
N LEU A 357 -9.58 -16.51 -3.14
CA LEU A 357 -10.83 -17.36 -3.17
C LEU A 357 -11.01 -17.93 -4.55
N VAL A 358 -11.23 -19.25 -4.59
CA VAL A 358 -11.24 -19.99 -5.83
C VAL A 358 -12.50 -20.91 -5.83
N ARG A 359 -13.04 -21.11 -7.01
CA ARG A 359 -14.24 -21.98 -7.18
C ARG A 359 -13.93 -23.40 -6.95
N ASN A 360 -12.69 -23.77 -7.24
CA ASN A 360 -12.15 -25.08 -7.06
C ASN A 360 -10.66 -25.01 -6.70
N ARG A 361 -10.23 -25.77 -5.69
CA ARG A 361 -8.79 -25.76 -5.32
C ARG A 361 -7.83 -26.31 -6.34
N GLN A 362 -8.30 -27.26 -7.19
CA GLN A 362 -7.44 -27.89 -8.17
C GLN A 362 -7.20 -27.06 -9.43
N SER A 363 -8.28 -26.49 -9.99
CA SER A 363 -8.17 -25.61 -11.17
C SER A 363 -7.75 -24.20 -10.78
N ARG A 364 -8.00 -23.82 -9.54
CA ARG A 364 -7.68 -22.42 -9.12
C ARG A 364 -8.50 -21.38 -9.81
N GLU A 365 -9.59 -21.79 -10.42
CA GLU A 365 -10.48 -20.82 -11.04
C GLU A 365 -10.92 -19.70 -10.07
N PRO A 366 -10.70 -18.41 -10.47
CA PRO A 366 -11.11 -17.37 -9.51
C PRO A 366 -12.57 -17.32 -9.06
N ALA A 367 -12.88 -16.95 -7.82
CA ALA A 367 -14.25 -16.83 -7.32
C ALA A 367 -14.65 -15.36 -7.09
N ARG A 368 -14.79 -14.64 -8.21
CA ARG A 368 -15.13 -13.21 -8.16
C ARG A 368 -16.41 -12.90 -7.45
N ALA A 369 -17.50 -13.52 -7.93
CA ALA A 369 -18.84 -13.20 -7.38
C ALA A 369 -18.97 -13.48 -5.90
N GLU A 370 -18.46 -14.64 -5.48
CA GLU A 370 -18.55 -15.00 -4.03
C GLU A 370 -17.71 -13.99 -3.12
N THR A 371 -16.64 -13.50 -3.71
CA THR A 371 -15.75 -12.60 -2.93
C THR A 371 -16.49 -11.31 -2.66
N ALA A 372 -17.18 -10.76 -3.69
CA ALA A 372 -17.93 -9.56 -3.42
C ALA A 372 -19.08 -9.67 -2.47
N LYS A 373 -19.79 -10.87 -2.54
CA LYS A 373 -20.81 -11.08 -1.47
C LYS A 373 -20.26 -11.28 -0.05
N LEU A 374 -19.11 -11.94 0.01
CA LEU A 374 -18.43 -12.23 1.25
C LEU A 374 -18.12 -11.00 2.00
N ILE A 375 -17.55 -10.01 1.21
CA ILE A 375 -17.25 -8.81 1.96
C ILE A 375 -18.43 -7.90 2.41
N TYR A 376 -19.51 -8.06 1.62
CA TYR A 376 -20.76 -7.39 1.94
C TYR A 376 -21.36 -7.95 3.30
N ARG A 377 -21.39 -9.29 3.31
CA ARG A 377 -21.85 -9.99 4.51
C ARG A 377 -20.98 -9.69 5.70
N ALA A 378 -19.65 -9.69 5.47
CA ALA A 378 -18.73 -9.27 6.55
C ALA A 378 -19.11 -7.93 7.08
N TYR A 379 -19.31 -6.95 6.16
CA TYR A 379 -19.77 -5.63 6.60
C TYR A 379 -21.08 -5.66 7.44
N GLU A 380 -22.05 -6.44 6.95
CA GLU A 380 -23.32 -6.61 7.73
C GLU A 380 -23.09 -7.18 9.13
N LEU A 381 -22.09 -8.01 9.25
CA LEU A 381 -21.69 -8.62 10.51
C LEU A 381 -20.76 -7.81 11.42
N GLY A 382 -20.20 -6.68 10.92
CA GLY A 382 -19.39 -5.86 11.77
C GLY A 382 -17.89 -5.90 11.45
N LEU A 383 -17.51 -6.30 10.23
CA LEU A 383 -16.12 -6.44 9.83
C LEU A 383 -15.96 -5.75 8.42
N VAL A 384 -14.95 -4.84 8.40
CA VAL A 384 -14.61 -4.15 7.14
C VAL A 384 -13.36 -4.73 6.48
N LEU A 385 -13.53 -5.22 5.30
CA LEU A 385 -12.40 -5.59 4.45
C LEU A 385 -12.79 -5.45 3.01
N TYR A 386 -11.80 -5.27 2.11
CA TYR A 386 -12.05 -5.14 0.73
C TYR A 386 -11.39 -6.23 -0.10
N TYR A 387 -11.70 -6.34 -1.39
CA TYR A 387 -11.03 -7.27 -2.30
C TYR A 387 -10.15 -6.54 -3.36
N VAL A 388 -9.20 -7.27 -3.86
CA VAL A 388 -8.25 -6.81 -4.88
C VAL A 388 -7.95 -7.98 -5.76
N GLY A 389 -7.05 -7.78 -6.74
CA GLY A 389 -6.74 -8.80 -7.73
C GLY A 389 -7.27 -8.46 -9.10
N MET A 390 -6.56 -8.90 -10.12
CA MET A 390 -7.07 -8.72 -11.48
C MET A 390 -8.42 -9.39 -11.62
N ASN A 391 -8.69 -10.44 -10.82
CA ASN A 391 -9.99 -11.13 -10.90
C ASN A 391 -10.89 -10.90 -9.74
N GLY A 392 -10.58 -9.88 -8.90
CA GLY A 392 -11.53 -9.46 -7.91
C GLY A 392 -11.82 -10.53 -6.82
N ASN A 393 -10.83 -11.39 -6.62
CA ASN A 393 -10.98 -12.55 -5.79
C ASN A 393 -10.00 -12.72 -4.72
N VAL A 394 -9.29 -11.64 -4.32
CA VAL A 394 -8.34 -11.77 -3.22
C VAL A 394 -8.80 -10.88 -2.08
N LEU A 395 -9.10 -11.38 -0.89
CA LEU A 395 -9.37 -10.54 0.27
C LEU A 395 -8.08 -9.88 0.73
N GLU A 396 -8.10 -8.59 0.92
CA GLU A 396 -6.94 -7.83 1.45
C GLU A 396 -7.14 -7.56 2.89
N MET A 397 -6.10 -7.82 3.71
CA MET A 397 -6.11 -7.54 5.12
C MET A 397 -4.89 -6.71 5.46
N THR A 398 -5.09 -5.42 5.77
CA THR A 398 -4.08 -4.51 6.22
C THR A 398 -4.48 -3.68 7.42
N PRO A 399 -4.70 -4.38 8.58
CA PRO A 399 -5.30 -3.68 9.67
C PRO A 399 -4.34 -2.72 10.31
N PRO A 400 -4.77 -1.84 11.20
CA PRO A 400 -3.91 -0.99 11.97
C PRO A 400 -2.80 -1.82 12.65
N LEU A 401 -1.57 -1.28 12.66
CA LEU A 401 -0.47 -2.07 13.24
C LEU A 401 -0.73 -2.27 14.76
N THR A 402 -1.55 -1.43 15.32
CA THR A 402 -1.94 -1.41 16.80
C THR A 402 -3.15 -2.28 17.01
N MET A 403 -3.69 -2.97 16.03
CA MET A 403 -4.83 -3.94 16.27
C MET A 403 -4.44 -4.97 17.32
N THR A 404 -5.32 -5.21 18.28
CA THR A 404 -4.88 -6.16 19.36
C THR A 404 -5.01 -7.60 18.84
N GLU A 405 -4.31 -8.51 19.54
CA GLU A 405 -4.48 -9.91 19.30
C GLU A 405 -5.98 -10.46 19.40
N ASP A 406 -6.71 -9.96 20.41
CA ASP A 406 -8.09 -10.31 20.58
C ASP A 406 -8.91 -9.79 19.41
N GLU A 407 -8.59 -8.55 18.93
CA GLU A 407 -9.31 -8.06 17.73
C GLU A 407 -9.04 -8.87 16.48
N VAL A 408 -7.80 -9.34 16.33
CA VAL A 408 -7.42 -10.23 15.27
C VAL A 408 -8.32 -11.47 15.32
N ARG A 409 -8.40 -12.06 16.54
CA ARG A 409 -9.31 -13.16 16.72
C ARG A 409 -10.80 -12.82 16.51
N HIS A 410 -11.31 -11.68 16.98
CA HIS A 410 -12.71 -11.31 16.63
C HIS A 410 -12.91 -11.15 15.12
N ALA A 411 -11.91 -10.56 14.43
CA ALA A 411 -12.07 -10.46 13.01
C ALA A 411 -12.09 -11.77 12.27
N VAL A 412 -11.19 -12.74 12.57
CA VAL A 412 -11.22 -14.07 11.97
C VAL A 412 -12.60 -14.80 12.25
N ASN A 413 -13.12 -14.57 13.46
CA ASN A 413 -14.40 -15.14 13.94
C ASN A 413 -15.54 -14.55 13.11
N LEU A 414 -15.53 -13.23 12.88
CA LEU A 414 -16.55 -12.66 12.00
C LEU A 414 -16.39 -13.11 10.54
N LEU A 415 -15.17 -13.29 10.08
CA LEU A 415 -14.95 -13.75 8.77
C LEU A 415 -15.52 -15.18 8.58
N ASP A 416 -15.27 -16.02 9.63
CA ASP A 416 -15.80 -17.39 9.67
C ASP A 416 -17.33 -17.30 9.51
N GLN A 417 -17.98 -16.40 10.24
CA GLN A 417 -19.44 -16.23 10.07
C GLN A 417 -19.85 -15.82 8.65
N ALA A 418 -19.06 -14.90 8.06
CA ALA A 418 -19.31 -14.47 6.69
C ALA A 418 -19.10 -15.51 5.67
N PHE A 419 -18.03 -16.33 5.76
CA PHE A 419 -17.88 -17.46 4.84
C PHE A 419 -19.08 -18.44 5.00
N THR A 420 -19.53 -18.64 6.24
CA THR A 420 -20.61 -19.60 6.52
C THR A 420 -21.96 -19.07 5.98
N GLU A 421 -22.27 -17.79 6.31
CA GLU A 421 -23.58 -17.15 6.08
C GLU A 421 -23.56 -16.49 4.70
N LEU A 422 -22.99 -17.20 3.73
CA LEU A 422 -22.65 -16.61 2.46
C LEU A 422 -23.84 -16.94 1.57
N THR A 424 -26.58 -15.58 1.33
CA THR A 424 -27.43 -14.67 2.15
C THR A 424 -27.57 -13.29 1.50
N VAL A 425 -26.44 -12.74 1.04
CA VAL A 425 -26.49 -11.41 0.39
C VAL A 425 -27.05 -11.59 -1.05
N SER A 426 -28.12 -10.85 -1.34
CA SER A 426 -28.82 -10.94 -2.64
C SER A 426 -27.87 -10.52 -3.76
N ASP A 427 -27.99 -11.16 -4.93
CA ASP A 427 -27.17 -10.76 -6.08
C ASP A 427 -27.59 -9.35 -6.58
N THR A 428 -28.82 -8.94 -6.22
CA THR A 428 -29.32 -7.58 -6.49
C THR A 428 -28.64 -6.54 -5.55
N LEU A 429 -28.53 -6.88 -4.26
CA LEU A 429 -27.98 -5.98 -3.20
C LEU A 429 -26.49 -5.67 -3.52
N VAL A 430 -25.71 -6.74 -3.73
CA VAL A 430 -24.33 -6.60 -4.21
C VAL A 430 -24.18 -5.75 -5.48
N SER A 431 -25.02 -5.98 -6.51
CA SER A 431 -24.94 -5.24 -7.79
C SER A 431 -25.14 -3.69 -7.63
N GLN A 432 -25.64 -3.26 -6.47
CA GLN A 432 -25.78 -1.85 -6.16
C GLN A 432 -24.51 -1.14 -5.92
N PHE A 433 -23.40 -1.90 -5.79
CA PHE A 433 -22.04 -1.28 -5.52
C PHE A 433 -21.11 -1.57 -6.70
N ALA A 434 -20.51 -0.51 -7.25
CA ALA A 434 -19.64 -0.69 -8.43
C ALA A 434 -18.44 -1.54 -7.99
N GLY A 435 -17.86 -1.13 -6.87
CA GLY A 435 -16.54 -1.49 -6.51
C GLY A 435 -15.67 -1.05 -7.69
N TRP A 436 -14.89 -2.03 -8.14
CA TRP A 436 -13.72 -1.75 -8.96
C TRP A 436 -14.01 -1.38 -10.43
#